data_4K8E
#
_entry.id   4K8E
#
_cell.length_a   141.135
_cell.length_b   141.135
_cell.length_c   42.850
_cell.angle_alpha   90.00
_cell.angle_beta   90.00
_cell.angle_gamma   90.00
#
_symmetry.space_group_name_H-M   'P 43 21 2'
#
loop_
_entity.id
_entity.type
_entity.pdbx_description
1 polymer 'NADPH dehydrogenase 1'
2 non-polymer 'FLAVIN MONONUCLEOTIDE'
3 non-polymer 'MAGNESIUM ION'
4 non-polymer 'CHLORIDE ION'
5 non-polymer 2-methyl-5-(prop-1-en-2-yl)phenol
6 non-polymer DI(HYDROXYETHYL)ETHER
7 non-polymer 'SODIUM ION'
8 non-polymer 'TRIETHYLENE GLYCOL'
9 water water
#
_entity_poly.entity_id   1
_entity_poly.type   'polypeptide(L)'
_entity_poly.pdbx_seq_one_letter_code
;MSFVKDFKPQALGDTNLFKPIKIGNNELLHRAVIPPLTRMRALHPGNIPNRDWAVEYYTQRAQRPGTMIITEGAFISPQA
GGYDNAPGVWSEEQMVEWTKIFNAIHEKKSFVWVQLVVLGWAAFPDNLARDGLRYDSASDNVFMDAEQEAKAKKANNPQH
SLTKDEIKQYIKEYVQAAKNSIAAGADGVEIHSANGYLLNQFLDPHSNTRTDEYGGSIENRARFTLEVVDALVEAIGHEK
VGLRLSPYGVFNSMSGGAETGIVAQYAYVAGELEKRAKAGKRLAFVHLVEPRVTNPFLTEGEGEYEGGSNDFVYSIWKGP
VIRAGNFALHPEVVREEVKDKRTLIGYGRFFISNPDLVDRLEKGLPLNKYDRDTFYQMSAHGYIDYPTYEEALKLGWDKK
;
_entity_poly.pdbx_strand_id   A
#
# COMPACT_ATOMS: atom_id res chain seq x y z
N SER A 2 -10.58 19.93 -13.72
CA SER A 2 -11.94 19.62 -14.20
C SER A 2 -12.49 18.36 -13.54
N PHE A 3 -13.80 18.19 -13.62
CA PHE A 3 -14.45 16.97 -13.18
C PHE A 3 -14.34 15.90 -14.28
N VAL A 4 -14.37 14.64 -13.88
CA VAL A 4 -14.37 13.53 -14.83
C VAL A 4 -15.61 13.65 -15.66
N LYS A 5 -15.43 13.72 -16.98
CA LYS A 5 -16.51 14.13 -17.86
CA LYS A 5 -16.50 14.13 -17.87
C LYS A 5 -17.67 13.16 -17.95
N ASP A 6 -17.38 11.87 -18.13
CA ASP A 6 -18.47 10.95 -18.48
C ASP A 6 -19.05 10.22 -17.28
N PHE A 7 -18.54 10.53 -16.09
CA PHE A 7 -18.89 9.80 -14.89
C PHE A 7 -20.30 10.15 -14.41
N LYS A 8 -21.06 9.11 -14.08
CA LYS A 8 -22.40 9.27 -13.50
C LYS A 8 -22.32 8.86 -12.02
N PRO A 9 -22.18 9.85 -11.12
CA PRO A 9 -22.01 9.48 -9.72
C PRO A 9 -23.26 8.89 -9.10
N GLN A 10 -23.03 8.12 -8.04
CA GLN A 10 -24.08 7.54 -7.24
CA GLN A 10 -24.10 7.57 -7.23
C GLN A 10 -23.80 7.86 -5.77
N ALA A 11 -24.81 8.31 -5.03
CA ALA A 11 -24.66 8.51 -3.59
C ALA A 11 -24.59 7.16 -2.90
N LEU A 12 -23.57 6.98 -2.07
CA LEU A 12 -23.35 5.71 -1.38
C LEU A 12 -23.63 5.81 0.11
N GLY A 13 -24.21 6.93 0.53
CA GLY A 13 -24.56 7.13 1.93
C GLY A 13 -25.51 6.11 2.51
N ASP A 14 -26.30 5.45 1.66
CA ASP A 14 -27.26 4.44 2.12
C ASP A 14 -26.68 3.02 2.15
N THR A 15 -25.37 2.90 2.04
CA THR A 15 -24.70 1.60 2.05
C THR A 15 -23.79 1.45 3.26
N ASN A 16 -23.28 0.24 3.45
CA ASN A 16 -22.35 -0.01 4.53
C ASN A 16 -21.04 0.77 4.40
N LEU A 17 -20.78 1.37 3.24
CA LEU A 17 -19.61 2.23 3.13
C LEU A 17 -19.66 3.33 4.20
N PHE A 18 -20.87 3.70 4.63
CA PHE A 18 -21.07 4.73 5.65
C PHE A 18 -21.53 4.22 7.00
N LYS A 19 -21.22 2.96 7.28
CA LYS A 19 -21.40 2.40 8.61
CA LYS A 19 -21.41 2.37 8.60
C LYS A 19 -20.06 2.32 9.31
N PRO A 20 -20.01 2.68 10.60
CA PRO A 20 -18.74 2.61 11.31
C PRO A 20 -18.22 1.18 11.43
N ILE A 21 -16.93 1.05 11.63
CA ILE A 21 -16.30 -0.25 11.82
C ILE A 21 -15.01 -0.04 12.61
N LYS A 22 -14.64 -1.01 13.44
CA LYS A 22 -13.39 -0.92 14.18
C LYS A 22 -12.30 -1.69 13.44
N ILE A 23 -11.17 -1.03 13.21
CA ILE A 23 -10.00 -1.66 12.59
C ILE A 23 -8.85 -1.48 13.58
N GLY A 24 -8.34 -2.59 14.11
CA GLY A 24 -7.34 -2.51 15.16
C GLY A 24 -7.89 -1.71 16.33
N ASN A 25 -7.14 -0.72 16.79
CA ASN A 25 -7.59 0.12 17.89
C ASN A 25 -8.51 1.26 17.44
N ASN A 26 -8.78 1.35 16.15
CA ASN A 26 -9.39 2.57 15.61
C ASN A 26 -10.87 2.42 15.26
N GLU A 27 -11.69 3.32 15.79
CA GLU A 27 -13.11 3.39 15.45
C GLU A 27 -13.34 4.25 14.19
N LEU A 28 -13.31 3.59 13.03
CA LEU A 28 -13.57 4.26 11.77
CA LEU A 28 -13.56 4.30 11.80
C LEU A 28 -15.03 4.68 11.70
N LEU A 29 -15.30 5.82 11.10
CA LEU A 29 -16.68 6.30 10.97
C LEU A 29 -17.28 5.97 9.61
N HIS A 30 -16.46 5.46 8.71
CA HIS A 30 -16.89 5.05 7.38
C HIS A 30 -15.79 4.13 6.85
N ARG A 31 -16.06 3.47 5.72
CA ARG A 31 -15.23 2.36 5.24
C ARG A 31 -14.48 2.70 3.95
N ALA A 32 -14.39 3.98 3.62
CA ALA A 32 -13.55 4.45 2.52
C ALA A 32 -12.14 4.71 3.05
N VAL A 33 -11.20 3.91 2.59
CA VAL A 33 -9.84 3.92 3.09
C VAL A 33 -8.92 4.57 2.07
N ILE A 34 -7.94 5.33 2.55
CA ILE A 34 -6.87 5.78 1.65
C ILE A 34 -5.81 4.69 1.60
N PRO A 35 -5.66 4.02 0.44
CA PRO A 35 -4.59 3.01 0.34
C PRO A 35 -3.25 3.72 0.20
N PRO A 36 -2.15 2.98 0.40
CA PRO A 36 -0.82 3.58 0.25
C PRO A 36 -0.60 4.12 -1.16
N LEU A 37 -0.11 5.36 -1.24
CA LEU A 37 0.15 6.02 -2.51
C LEU A 37 1.49 6.76 -2.46
N THR A 38 2.50 6.16 -3.07
CA THR A 38 3.79 6.78 -3.29
C THR A 38 3.61 8.03 -4.13
N ARG A 39 4.19 9.14 -3.65
CA ARG A 39 4.07 10.43 -4.33
C ARG A 39 5.40 11.09 -4.66
N MET A 40 6.50 10.56 -4.14
CA MET A 40 7.83 11.04 -4.51
C MET A 40 8.07 12.52 -4.17
N ARG A 41 7.53 13.01 -3.05
CA ARG A 41 7.89 14.34 -2.55
C ARG A 41 8.91 14.30 -1.42
N ALA A 42 9.38 13.12 -1.00
CA ALA A 42 10.41 13.11 0.04
C ALA A 42 11.72 13.66 -0.54
N LEU A 43 12.52 14.28 0.30
CA LEU A 43 13.71 14.96 -0.16
C LEU A 43 14.98 14.18 0.11
N HIS A 44 15.90 14.35 -0.83
CA HIS A 44 17.24 13.76 -0.77
C HIS A 44 18.21 14.86 -0.29
N PRO A 45 19.20 14.51 0.54
CA PRO A 45 19.52 13.16 1.03
C PRO A 45 18.67 12.79 2.23
N GLY A 46 18.62 11.49 2.49
CA GLY A 46 18.05 10.99 3.72
C GLY A 46 16.61 10.55 3.66
N ASN A 47 15.99 10.58 2.48
CA ASN A 47 14.60 10.09 2.30
C ASN A 47 13.67 10.72 3.33
N ILE A 48 13.67 12.04 3.38
CA ILE A 48 12.96 12.79 4.41
CA ILE A 48 12.95 12.78 4.41
C ILE A 48 11.55 13.18 3.92
N PRO A 49 10.50 12.82 4.68
CA PRO A 49 9.15 13.26 4.29
C PRO A 49 9.15 14.76 4.03
N ASN A 50 8.42 15.20 3.01
CA ASN A 50 8.54 16.58 2.54
C ASN A 50 8.22 17.62 3.60
N ARG A 51 9.22 18.43 3.91
CA ARG A 51 9.14 19.37 5.01
C ARG A 51 8.19 20.53 4.74
N ASP A 52 7.87 20.75 3.47
CA ASP A 52 7.02 21.88 3.08
C ASP A 52 5.54 21.50 2.95
N TRP A 53 5.28 20.31 2.43
CA TRP A 53 3.94 20.00 1.92
C TRP A 53 3.29 18.75 2.47
N ALA A 54 4.06 17.82 3.03
CA ALA A 54 3.47 16.53 3.41
C ALA A 54 2.41 16.66 4.49
N VAL A 55 2.63 17.51 5.49
CA VAL A 55 1.61 17.70 6.51
C VAL A 55 0.31 18.17 5.87
N GLU A 56 0.38 19.14 4.97
CA GLU A 56 -0.81 19.66 4.32
CA GLU A 56 -0.83 19.65 4.34
C GLU A 56 -1.51 18.58 3.50
N TYR A 57 -0.74 17.78 2.76
CA TYR A 57 -1.30 16.74 1.93
C TYR A 57 -2.14 15.78 2.77
N TYR A 58 -1.57 15.31 3.86
CA TYR A 58 -2.28 14.35 4.71
C TYR A 58 -3.42 15.02 5.49
N THR A 59 -3.24 16.27 5.91
CA THR A 59 -4.31 17.00 6.60
C THR A 59 -5.54 17.11 5.71
N GLN A 60 -5.33 17.50 4.45
CA GLN A 60 -6.42 17.62 3.50
C GLN A 60 -7.17 16.29 3.40
N ARG A 61 -6.43 15.19 3.29
CA ARG A 61 -7.05 13.90 3.03
C ARG A 61 -7.58 13.22 4.30
N ALA A 62 -7.27 13.81 5.46
CA ALA A 62 -7.81 13.38 6.75
C ALA A 62 -9.10 14.13 7.11
N GLN A 63 -9.56 15.02 6.25
CA GLN A 63 -10.59 15.98 6.63
C GLN A 63 -11.92 15.38 7.03
N ARG A 64 -12.29 14.23 6.48
CA ARG A 64 -13.52 13.57 6.90
C ARG A 64 -13.20 12.85 8.21
N PRO A 65 -13.89 13.19 9.30
CA PRO A 65 -13.55 12.52 10.56
C PRO A 65 -13.67 11.01 10.45
N GLY A 66 -12.78 10.29 11.12
CA GLY A 66 -12.85 8.85 11.21
C GLY A 66 -12.41 8.10 9.97
N THR A 67 -11.55 8.74 9.17
CA THR A 67 -10.97 8.12 7.98
C THR A 67 -9.71 7.35 8.32
N MET A 68 -9.61 6.12 7.80
CA MET A 68 -8.37 5.35 7.86
C MET A 68 -7.46 5.72 6.71
N ILE A 69 -6.28 6.22 7.02
CA ILE A 69 -5.25 6.53 6.02
C ILE A 69 -4.08 5.58 6.16
N ILE A 70 -3.71 4.94 5.06
CA ILE A 70 -2.46 4.18 5.00
C ILE A 70 -1.46 5.07 4.27
N THR A 71 -0.29 5.29 4.87
CA THR A 71 0.68 6.20 4.26
C THR A 71 1.22 5.62 2.95
N GLU A 72 1.74 6.52 2.13
CA GLU A 72 2.69 6.15 1.10
C GLU A 72 3.69 5.11 1.65
N GLY A 73 4.16 4.22 0.80
CA GLY A 73 5.16 3.27 1.22
C GLY A 73 6.37 3.97 1.84
N ALA A 74 6.86 3.40 2.94
CA ALA A 74 8.00 3.96 3.67
C ALA A 74 9.06 2.89 3.83
N PHE A 75 10.29 3.21 3.43
CA PHE A 75 11.38 2.26 3.52
C PHE A 75 11.80 2.00 4.95
N ILE A 76 12.06 0.74 5.27
CA ILE A 76 12.43 0.39 6.64
C ILE A 76 13.91 0.63 6.95
N SER A 77 14.74 0.82 5.93
CA SER A 77 16.18 1.01 6.10
C SER A 77 16.74 1.48 4.78
N PRO A 78 17.99 2.00 4.78
CA PRO A 78 18.59 2.35 3.49
C PRO A 78 18.63 1.17 2.51
N GLN A 79 19.01 -0.01 2.99
CA GLN A 79 19.13 -1.18 2.11
C GLN A 79 17.76 -1.58 1.52
N ALA A 80 16.68 -1.26 2.22
CA ALA A 80 15.32 -1.56 1.75
C ALA A 80 14.84 -0.62 0.66
N GLY A 81 15.53 0.50 0.47
CA GLY A 81 15.10 1.56 -0.42
C GLY A 81 15.71 1.50 -1.81
N GLY A 82 15.99 2.67 -2.37
CA GLY A 82 16.50 2.75 -3.73
C GLY A 82 15.81 3.76 -4.61
N TYR A 83 14.78 4.44 -4.07
CA TYR A 83 14.16 5.60 -4.71
C TYR A 83 14.49 6.81 -3.84
N ASP A 84 15.12 7.83 -4.41
CA ASP A 84 15.61 8.94 -3.59
C ASP A 84 14.49 9.81 -3.03
N ASN A 85 13.32 9.80 -3.65
CA ASN A 85 12.24 10.69 -3.24
C ASN A 85 11.05 9.99 -2.58
N ALA A 86 11.25 8.76 -2.14
CA ALA A 86 10.28 8.09 -1.26
C ALA A 86 10.84 8.14 0.16
N PRO A 87 9.96 8.25 1.17
CA PRO A 87 10.44 8.42 2.54
C PRO A 87 10.82 7.13 3.22
N GLY A 88 11.64 7.26 4.27
CA GLY A 88 11.92 6.18 5.18
C GLY A 88 11.37 6.40 6.57
N VAL A 89 11.47 5.36 7.39
CA VAL A 89 11.09 5.38 8.80
C VAL A 89 12.17 4.76 9.69
N TRP A 90 13.44 4.98 9.34
CA TRP A 90 14.55 4.48 10.15
C TRP A 90 15.30 5.55 10.95
N SER A 91 15.20 6.83 10.57
CA SER A 91 16.07 7.86 11.15
C SER A 91 15.30 8.88 11.98
N GLU A 92 16.02 9.53 12.89
CA GLU A 92 15.41 10.57 13.70
CA GLU A 92 15.45 10.59 13.71
C GLU A 92 14.88 11.70 12.84
N GLU A 93 15.63 12.10 11.82
CA GLU A 93 15.23 13.21 10.97
CA GLU A 93 15.23 13.21 10.97
C GLU A 93 13.94 12.88 10.22
N GLN A 94 13.80 11.63 9.79
CA GLN A 94 12.54 11.19 9.19
C GLN A 94 11.41 11.25 10.20
N MET A 95 11.63 10.72 11.39
CA MET A 95 10.53 10.59 12.35
C MET A 95 10.06 11.95 12.86
N VAL A 96 10.94 12.95 12.91
CA VAL A 96 10.50 14.31 13.22
C VAL A 96 9.38 14.74 12.29
N GLU A 97 9.54 14.48 10.98
CA GLU A 97 8.52 14.87 10.03
C GLU A 97 7.29 13.98 10.12
N TRP A 98 7.49 12.68 10.29
CA TRP A 98 6.34 11.78 10.41
C TRP A 98 5.48 12.14 11.62
N THR A 99 6.10 12.51 12.74
CA THR A 99 5.36 12.88 13.92
C THR A 99 4.40 14.03 13.62
N LYS A 100 4.87 15.02 12.88
CA LYS A 100 4.02 16.16 12.52
C LYS A 100 2.83 15.70 11.65
N ILE A 101 3.10 14.79 10.73
CA ILE A 101 2.06 14.24 9.88
C ILE A 101 1.03 13.50 10.70
N PHE A 102 1.48 12.61 11.59
CA PHE A 102 0.53 11.83 12.38
C PHE A 102 -0.30 12.73 13.30
N ASN A 103 0.34 13.72 13.92
CA ASN A 103 -0.40 14.65 14.77
C ASN A 103 -1.48 15.37 13.97
N ALA A 104 -1.15 15.79 12.76
CA ALA A 104 -2.11 16.52 11.93
C ALA A 104 -3.32 15.65 11.56
N ILE A 105 -3.07 14.39 11.23
CA ILE A 105 -4.15 13.46 10.90
C ILE A 105 -5.04 13.24 12.12
N HIS A 106 -4.43 13.07 13.29
CA HIS A 106 -5.18 12.85 14.50
C HIS A 106 -5.98 14.09 14.92
N GLU A 107 -5.45 15.28 14.64
CA GLU A 107 -6.20 16.49 14.95
CA GLU A 107 -6.19 16.52 14.91
C GLU A 107 -7.50 16.57 14.13
N LYS A 108 -7.49 15.97 12.95
CA LYS A 108 -8.69 15.88 12.11
C LYS A 108 -9.55 14.66 12.47
N LYS A 109 -9.21 13.96 13.56
CA LYS A 109 -10.00 12.84 14.07
CA LYS A 109 -9.99 12.84 14.08
C LYS A 109 -9.98 11.64 13.15
N SER A 110 -8.89 11.53 12.39
CA SER A 110 -8.67 10.40 11.50
C SER A 110 -7.50 9.56 12.00
N PHE A 111 -7.14 8.52 11.25
CA PHE A 111 -6.20 7.51 11.73
C PHE A 111 -5.15 7.26 10.67
N VAL A 112 -3.97 6.77 11.10
CA VAL A 112 -2.86 6.62 10.18
C VAL A 112 -2.06 5.36 10.45
N TRP A 113 -1.88 4.58 9.39
CA TRP A 113 -1.14 3.32 9.40
C TRP A 113 0.03 3.45 8.44
N VAL A 114 1.24 3.17 8.91
CA VAL A 114 2.43 3.31 8.07
C VAL A 114 2.65 2.05 7.24
N GLN A 115 2.71 2.19 5.92
CA GLN A 115 3.07 1.04 5.10
C GLN A 115 4.59 0.85 5.10
N LEU A 116 5.03 -0.35 5.48
CA LEU A 116 6.45 -0.67 5.57
C LEU A 116 6.90 -1.41 4.34
N VAL A 117 7.91 -0.86 3.66
CA VAL A 117 8.34 -1.31 2.34
C VAL A 117 9.80 -1.74 2.27
N VAL A 118 10.00 -2.84 1.55
CA VAL A 118 11.32 -3.28 1.09
C VAL A 118 11.19 -3.54 -0.43
N LEU A 119 12.02 -2.88 -1.23
CA LEU A 119 11.80 -2.86 -2.69
C LEU A 119 12.26 -4.11 -3.44
N GLY A 120 13.33 -4.76 -2.99
CA GLY A 120 13.91 -5.84 -3.77
C GLY A 120 14.26 -5.38 -5.17
N TRP A 121 13.88 -6.18 -6.15
CA TRP A 121 14.33 -5.95 -7.52
C TRP A 121 13.72 -4.70 -8.18
N ALA A 122 12.74 -4.08 -7.55
CA ALA A 122 12.16 -2.86 -8.09
C ALA A 122 13.03 -1.63 -7.82
N ALA A 123 13.99 -1.74 -6.91
CA ALA A 123 14.88 -0.63 -6.60
C ALA A 123 15.75 -0.28 -7.78
N PHE A 124 16.30 0.93 -7.77
CA PHE A 124 17.27 1.33 -8.79
C PHE A 124 18.68 0.92 -8.38
N PRO A 125 19.30 -0.03 -9.12
CA PRO A 125 20.58 -0.55 -8.65
C PRO A 125 21.72 0.46 -8.62
N ASP A 126 21.62 1.50 -9.44
CA ASP A 126 22.64 2.55 -9.45
C ASP A 126 22.56 3.44 -8.21
N ASN A 127 21.36 3.78 -7.77
CA ASN A 127 21.22 4.53 -6.52
C ASN A 127 21.79 3.71 -5.37
N LEU A 128 21.48 2.42 -5.35
CA LEU A 128 21.97 1.54 -4.29
C LEU A 128 23.50 1.47 -4.33
N ALA A 129 24.07 1.27 -5.51
CA ALA A 129 25.52 1.24 -5.66
C ALA A 129 26.19 2.53 -5.18
N ARG A 130 25.62 3.67 -5.55
CA ARG A 130 26.13 4.97 -5.12
C ARG A 130 26.24 5.01 -3.59
N ASP A 131 25.26 4.41 -2.93
CA ASP A 131 25.19 4.45 -1.47
C ASP A 131 25.85 3.24 -0.80
N GLY A 132 26.52 2.39 -1.58
CA GLY A 132 27.21 1.25 -1.02
C GLY A 132 26.31 0.09 -0.62
N LEU A 133 25.14 0.01 -1.24
CA LEU A 133 24.12 -0.98 -0.88
C LEU A 133 23.95 -2.05 -1.96
N ARG A 134 23.50 -3.23 -1.54
CA ARG A 134 23.22 -4.32 -2.45
C ARG A 134 21.97 -4.05 -3.29
N TYR A 135 21.85 -4.80 -4.39
CA TYR A 135 20.61 -4.88 -5.17
C TYR A 135 20.07 -6.28 -4.92
N ASP A 136 18.97 -6.35 -4.16
CA ASP A 136 18.49 -7.59 -3.56
C ASP A 136 17.26 -8.15 -4.22
N SER A 137 17.16 -9.48 -4.24
CA SER A 137 15.90 -10.14 -4.51
C SER A 137 15.90 -11.54 -3.90
N ALA A 138 14.86 -12.31 -4.19
CA ALA A 138 14.80 -13.70 -3.76
C ALA A 138 15.89 -14.51 -4.44
N SER A 139 16.08 -14.26 -5.73
CA SER A 139 16.95 -15.08 -6.58
C SER A 139 17.98 -14.23 -7.26
N ASP A 140 18.92 -14.87 -7.95
CA ASP A 140 19.93 -14.13 -8.68
C ASP A 140 19.97 -14.44 -10.16
N ASN A 141 18.97 -15.19 -10.64
CA ASN A 141 18.97 -15.72 -12.01
C ASN A 141 17.68 -15.42 -12.77
N VAL A 142 16.86 -14.56 -12.19
CA VAL A 142 15.66 -14.06 -12.84
C VAL A 142 15.57 -12.59 -12.45
N PHE A 143 15.19 -11.75 -13.39
CA PHE A 143 15.27 -10.30 -13.23
C PHE A 143 13.95 -9.64 -13.58
N MET A 144 13.73 -8.46 -13.03
CA MET A 144 12.48 -7.74 -13.23
C MET A 144 12.28 -7.45 -14.72
N ASP A 145 13.31 -6.92 -15.33
CA ASP A 145 13.32 -6.70 -16.76
C ASP A 145 14.75 -6.51 -17.20
N ALA A 146 14.94 -6.41 -18.52
CA ALA A 146 16.28 -6.33 -19.08
C ALA A 146 17.01 -5.05 -18.66
N GLU A 147 16.25 -3.97 -18.54
CA GLU A 147 16.85 -2.69 -18.21
C GLU A 147 17.41 -2.70 -16.79
N GLN A 148 16.66 -3.27 -15.87
CA GLN A 148 17.10 -3.39 -14.49
C GLN A 148 18.35 -4.27 -14.38
N GLU A 149 18.33 -5.41 -15.05
CA GLU A 149 19.47 -6.32 -15.06
C GLU A 149 20.71 -5.61 -15.56
N ALA A 150 20.56 -4.86 -16.65
CA ALA A 150 21.68 -4.16 -17.26
C ALA A 150 22.18 -3.00 -16.39
N LYS A 151 21.26 -2.27 -15.76
CA LYS A 151 21.65 -1.20 -14.84
CA LYS A 151 21.65 -1.19 -14.87
C LYS A 151 22.47 -1.75 -13.70
N ALA A 152 22.04 -2.89 -13.17
CA ALA A 152 22.76 -3.51 -12.06
C ALA A 152 24.18 -3.90 -12.47
N LYS A 153 24.32 -4.49 -13.65
CA LYS A 153 25.65 -4.89 -14.09
C LYS A 153 26.53 -3.66 -14.32
N LYS A 154 25.97 -2.64 -14.94
CA LYS A 154 26.76 -1.43 -15.23
C LYS A 154 27.24 -0.77 -13.94
N ALA A 155 26.42 -0.86 -12.89
CA ALA A 155 26.74 -0.29 -11.60
C ALA A 155 27.63 -1.19 -10.75
N ASN A 156 28.08 -2.32 -11.32
CA ASN A 156 28.87 -3.31 -10.58
C ASN A 156 28.13 -3.73 -9.33
N ASN A 157 26.82 -3.94 -9.50
CA ASN A 157 25.93 -4.26 -8.39
C ASN A 157 24.91 -5.30 -8.85
N PRO A 158 25.38 -6.44 -9.35
CA PRO A 158 24.44 -7.44 -9.89
C PRO A 158 23.46 -7.93 -8.84
N GLN A 159 22.27 -8.29 -9.30
CA GLN A 159 21.23 -8.75 -8.40
C GLN A 159 21.73 -9.90 -7.53
N HIS A 160 21.41 -9.80 -6.26
CA HIS A 160 21.93 -10.66 -5.21
C HIS A 160 20.77 -11.42 -4.58
N SER A 161 20.92 -12.74 -4.50
CA SER A 161 19.96 -13.58 -3.80
C SER A 161 20.26 -13.54 -2.30
N LEU A 162 19.28 -13.13 -1.51
CA LEU A 162 19.51 -12.93 -0.08
C LEU A 162 19.91 -14.21 0.63
N THR A 163 20.87 -14.09 1.54
CA THR A 163 21.18 -15.19 2.45
C THR A 163 20.14 -15.18 3.58
N LYS A 164 20.07 -16.29 4.31
CA LYS A 164 19.20 -16.37 5.47
CA LYS A 164 19.19 -16.36 5.47
C LYS A 164 19.51 -15.27 6.48
N ASP A 165 20.79 -14.98 6.70
CA ASP A 165 21.19 -13.92 7.62
CA ASP A 165 21.18 -13.93 7.61
C ASP A 165 20.69 -12.56 7.16
N GLU A 166 20.73 -12.32 5.85
CA GLU A 166 20.26 -11.05 5.31
C GLU A 166 18.75 -10.93 5.42
N ILE A 167 18.05 -12.05 5.28
CA ILE A 167 16.62 -12.05 5.52
C ILE A 167 16.34 -11.68 6.99
N LYS A 168 17.09 -12.28 7.91
CA LYS A 168 16.94 -11.97 9.32
C LYS A 168 17.22 -10.49 9.59
N GLN A 169 18.21 -9.92 8.91
CA GLN A 169 18.51 -8.50 9.08
C GLN A 169 17.34 -7.63 8.61
N TYR A 170 16.73 -7.96 7.47
CA TYR A 170 15.54 -7.23 7.07
C TYR A 170 14.44 -7.34 8.13
N ILE A 171 14.26 -8.54 8.71
CA ILE A 171 13.22 -8.72 9.71
C ILE A 171 13.51 -7.81 10.90
N LYS A 172 14.77 -7.72 11.33
CA LYS A 172 15.12 -6.80 12.41
C LYS A 172 14.75 -5.36 12.04
N GLU A 173 14.98 -4.99 10.79
CA GLU A 173 14.66 -3.65 10.33
C GLU A 173 13.14 -3.44 10.27
N TYR A 174 12.37 -4.45 9.89
CA TYR A 174 10.92 -4.30 9.91
C TYR A 174 10.47 -4.03 11.34
N VAL A 175 11.02 -4.79 12.28
CA VAL A 175 10.66 -4.64 13.68
C VAL A 175 10.97 -3.23 14.16
N GLN A 176 12.19 -2.76 13.88
CA GLN A 176 12.52 -1.43 14.36
C GLN A 176 11.71 -0.33 13.68
N ALA A 177 11.41 -0.50 12.39
CA ALA A 177 10.60 0.47 11.67
C ALA A 177 9.18 0.54 12.24
N ALA A 178 8.64 -0.61 12.61
CA ALA A 178 7.31 -0.68 13.20
C ALA A 178 7.34 0.02 14.57
N LYS A 179 8.35 -0.27 15.38
CA LYS A 179 8.50 0.39 16.67
C LYS A 179 8.60 1.91 16.48
N ASN A 180 9.40 2.35 15.51
CA ASN A 180 9.57 3.78 15.27
C ASN A 180 8.23 4.41 14.91
N SER A 181 7.47 3.73 14.07
CA SER A 181 6.20 4.24 13.62
C SER A 181 5.24 4.44 14.78
N ILE A 182 5.12 3.42 15.62
CA ILE A 182 4.22 3.52 16.76
C ILE A 182 4.69 4.61 17.74
N ALA A 183 6.00 4.66 18.03
CA ALA A 183 6.51 5.63 18.99
C ALA A 183 6.26 7.05 18.51
N ALA A 184 6.27 7.25 17.20
CA ALA A 184 6.02 8.57 16.63
C ALA A 184 4.55 8.95 16.58
N GLY A 185 3.68 7.99 16.91
CA GLY A 185 2.24 8.25 17.01
C GLY A 185 1.35 7.51 16.02
N ALA A 186 1.90 6.68 15.15
CA ALA A 186 1.04 5.96 14.22
C ALA A 186 0.10 4.99 14.94
N ASP A 187 -1.05 4.74 14.32
CA ASP A 187 -2.03 3.80 14.87
C ASP A 187 -1.70 2.34 14.58
N GLY A 188 -0.86 2.10 13.59
CA GLY A 188 -0.50 0.75 13.21
C GLY A 188 0.39 0.79 11.99
N VAL A 189 0.70 -0.39 11.48
CA VAL A 189 1.53 -0.54 10.28
C VAL A 189 0.89 -1.54 9.33
N GLU A 190 1.16 -1.38 8.05
CA GLU A 190 0.79 -2.34 7.03
C GLU A 190 2.07 -2.92 6.45
N ILE A 191 2.19 -4.24 6.47
CA ILE A 191 3.29 -4.93 5.82
C ILE A 191 2.98 -5.00 4.30
N HIS A 192 3.83 -4.38 3.49
CA HIS A 192 3.66 -4.43 2.04
C HIS A 192 4.20 -5.76 1.51
N SER A 193 3.29 -6.67 1.16
CA SER A 193 3.69 -7.94 0.56
C SER A 193 3.06 -8.11 -0.82
N ALA A 194 2.84 -6.96 -1.47
CA ALA A 194 2.13 -6.86 -2.73
C ALA A 194 2.98 -6.18 -3.79
N ASN A 195 2.37 -6.01 -4.97
CA ASN A 195 2.83 -5.18 -6.08
C ASN A 195 4.27 -5.45 -6.54
N GLY A 196 4.73 -6.67 -6.34
CA GLY A 196 6.02 -7.06 -6.87
C GLY A 196 7.25 -6.56 -6.14
N TYR A 197 7.08 -6.10 -4.91
N TYR A 197 7.08 -6.07 -4.92
CA TYR A 197 8.22 -5.71 -4.09
CA TYR A 197 8.20 -5.69 -4.08
C TYR A 197 8.74 -6.94 -3.33
C TYR A 197 8.82 -6.94 -3.42
N LEU A 198 9.76 -6.77 -2.49
CA LEU A 198 10.58 -7.91 -2.09
C LEU A 198 9.78 -9.09 -1.54
N LEU A 199 8.85 -8.86 -0.62
CA LEU A 199 8.11 -9.98 -0.05
C LEU A 199 7.32 -10.70 -1.15
N ASN A 200 6.72 -9.93 -2.07
CA ASN A 200 6.00 -10.54 -3.18
C ASN A 200 6.97 -11.30 -4.09
N GLN A 201 8.21 -10.81 -4.24
CA GLN A 201 9.21 -11.53 -5.02
C GLN A 201 9.51 -12.91 -4.42
N PHE A 202 9.40 -13.03 -3.09
CA PHE A 202 9.49 -14.34 -2.45
C PHE A 202 8.22 -15.18 -2.64
N LEU A 203 7.04 -14.57 -2.59
CA LEU A 203 5.81 -15.32 -2.73
C LEU A 203 5.64 -15.95 -4.11
N ASP A 204 6.18 -15.29 -5.13
CA ASP A 204 5.85 -15.63 -6.51
C ASP A 204 6.87 -16.62 -7.08
N PRO A 205 6.40 -17.73 -7.67
CA PRO A 205 7.36 -18.71 -8.20
C PRO A 205 8.14 -18.25 -9.42
N HIS A 206 7.72 -17.19 -10.09
CA HIS A 206 8.52 -16.68 -11.21
C HIS A 206 9.81 -16.04 -10.68
N SER A 207 9.67 -15.21 -9.66
CA SER A 207 10.80 -14.48 -9.11
C SER A 207 11.57 -15.26 -8.04
N ASN A 208 10.96 -16.33 -7.52
CA ASN A 208 11.60 -17.11 -6.46
C ASN A 208 11.92 -18.51 -6.97
N THR A 209 13.19 -18.69 -7.34
CA THR A 209 13.72 -19.95 -7.82
C THR A 209 14.63 -20.58 -6.77
N ARG A 210 14.50 -20.14 -5.52
CA ARG A 210 15.34 -20.66 -4.44
C ARG A 210 15.06 -22.12 -4.16
N THR A 211 16.07 -22.80 -3.63
CA THR A 211 15.97 -24.23 -3.28
C THR A 211 16.22 -24.45 -1.79
N ASP A 212 16.34 -23.37 -1.03
CA ASP A 212 16.42 -23.47 0.42
C ASP A 212 15.02 -23.37 1.03
N GLU A 213 14.95 -23.15 2.34
CA GLU A 213 13.67 -23.15 3.01
C GLU A 213 12.80 -21.94 2.66
N TYR A 214 13.34 -20.98 1.91
CA TYR A 214 12.56 -19.83 1.48
C TYR A 214 12.05 -19.91 0.05
N GLY A 215 12.21 -21.05 -0.62
CA GLY A 215 11.58 -21.23 -1.91
C GLY A 215 11.30 -22.67 -2.26
N GLY A 216 10.65 -22.90 -3.39
CA GLY A 216 10.48 -24.24 -3.91
C GLY A 216 9.21 -24.96 -3.50
N SER A 217 8.36 -24.29 -2.72
CA SER A 217 7.04 -24.80 -2.36
C SER A 217 6.20 -23.63 -1.89
N ILE A 218 4.91 -23.87 -1.77
CA ILE A 218 4.00 -22.84 -1.28
C ILE A 218 4.39 -22.35 0.13
N GLU A 219 4.62 -23.28 1.03
CA GLU A 219 4.97 -22.95 2.40
CA GLU A 219 4.93 -22.87 2.40
C GLU A 219 6.31 -22.20 2.47
N ASN A 220 7.26 -22.63 1.67
CA ASN A 220 8.57 -22.00 1.68
C ASN A 220 8.51 -20.59 1.11
N ARG A 221 7.78 -20.40 0.01
CA ARG A 221 7.66 -19.07 -0.60
C ARG A 221 6.95 -18.08 0.33
N ALA A 222 6.06 -18.56 1.19
CA ALA A 222 5.36 -17.71 2.13
C ALA A 222 6.13 -17.46 3.42
N ARG A 223 7.25 -18.14 3.62
CA ARG A 223 7.95 -18.11 4.89
C ARG A 223 8.38 -16.70 5.32
N PHE A 224 9.00 -15.95 4.42
CA PHE A 224 9.50 -14.61 4.75
C PHE A 224 8.33 -13.69 5.15
N THR A 225 7.28 -13.65 4.33
CA THR A 225 6.13 -12.82 4.67
C THR A 225 5.59 -13.16 6.06
N LEU A 226 5.43 -14.45 6.34
CA LEU A 226 4.88 -14.86 7.62
C LEU A 226 5.84 -14.58 8.79
N GLU A 227 7.15 -14.67 8.55
CA GLU A 227 8.12 -14.30 9.57
CA GLU A 227 8.13 -14.28 9.55
C GLU A 227 8.01 -12.80 9.90
N VAL A 228 7.78 -11.98 8.89
CA VAL A 228 7.60 -10.55 9.15
C VAL A 228 6.33 -10.30 9.94
N VAL A 229 5.24 -10.93 9.52
CA VAL A 229 4.00 -10.87 10.27
C VAL A 229 4.24 -11.23 11.73
N ASP A 230 4.87 -12.37 11.96
CA ASP A 230 5.03 -12.83 13.34
C ASP A 230 5.93 -11.91 14.15
N ALA A 231 6.99 -11.39 13.54
CA ALA A 231 7.91 -10.53 14.25
C ALA A 231 7.22 -9.22 14.63
N LEU A 232 6.37 -8.69 13.76
CA LEU A 232 5.67 -7.45 14.07
C LEU A 232 4.55 -7.64 15.07
N VAL A 233 3.82 -8.75 14.97
CA VAL A 233 2.80 -9.07 15.96
C VAL A 233 3.45 -9.13 17.34
N GLU A 234 4.61 -9.78 17.44
CA GLU A 234 5.29 -9.87 18.72
CA GLU A 234 5.32 -9.88 18.72
C GLU A 234 5.75 -8.50 19.22
N ALA A 235 6.27 -7.67 18.31
CA ALA A 235 6.84 -6.38 18.72
C ALA A 235 5.80 -5.36 19.14
N ILE A 236 4.73 -5.23 18.36
CA ILE A 236 3.78 -4.14 18.57
C ILE A 236 2.31 -4.59 18.73
N GLY A 237 2.04 -5.88 18.57
CA GLY A 237 0.70 -6.41 18.76
C GLY A 237 -0.05 -6.61 17.46
N HIS A 238 -0.83 -7.69 17.39
CA HIS A 238 -1.60 -8.00 16.19
C HIS A 238 -2.61 -6.91 15.84
N GLU A 239 -3.12 -6.21 16.84
CA GLU A 239 -4.10 -5.15 16.61
CA GLU A 239 -4.10 -5.13 16.63
C GLU A 239 -3.50 -3.93 15.92
N LYS A 240 -2.17 -3.89 15.80
CA LYS A 240 -1.47 -2.80 15.14
C LYS A 240 -0.81 -3.22 13.83
N VAL A 241 -1.19 -4.38 13.30
CA VAL A 241 -0.54 -4.92 12.10
C VAL A 241 -1.57 -5.37 11.06
N GLY A 242 -1.40 -4.93 9.82
CA GLY A 242 -2.13 -5.46 8.69
C GLY A 242 -1.17 -5.95 7.62
N LEU A 243 -1.70 -6.63 6.61
CA LEU A 243 -0.89 -7.21 5.54
C LEU A 243 -1.55 -6.92 4.19
N ARG A 244 -0.76 -6.45 3.23
CA ARG A 244 -1.24 -6.18 1.87
C ARG A 244 -0.72 -7.21 0.90
N LEU A 245 -1.65 -7.71 0.06
CA LEU A 245 -1.39 -8.75 -0.93
C LEU A 245 -2.07 -8.38 -2.24
N SER A 246 -1.50 -8.83 -3.36
CA SER A 246 -2.10 -8.59 -4.69
C SER A 246 -2.02 -9.87 -5.50
N PRO A 247 -2.93 -10.81 -5.23
CA PRO A 247 -2.80 -12.16 -5.81
C PRO A 247 -2.69 -12.16 -7.33
N TYR A 248 -3.41 -11.28 -7.99
CA TYR A 248 -3.47 -11.29 -9.46
C TYR A 248 -2.61 -10.22 -10.10
N GLY A 249 -1.80 -9.53 -9.30
CA GLY A 249 -0.98 -8.47 -9.84
C GLY A 249 0.08 -8.97 -10.80
N VAL A 250 0.36 -8.16 -11.82
CA VAL A 250 1.49 -8.41 -12.70
C VAL A 250 2.54 -7.30 -12.65
N PHE A 251 2.22 -6.18 -12.03
CA PHE A 251 3.17 -5.09 -11.88
C PHE A 251 4.46 -5.60 -11.24
N ASN A 252 5.58 -5.09 -11.75
CA ASN A 252 6.92 -5.48 -11.29
C ASN A 252 7.23 -6.95 -11.57
N SER A 253 6.62 -7.46 -12.63
CA SER A 253 6.93 -8.75 -13.21
C SER A 253 6.52 -9.93 -12.32
N MET A 254 5.42 -9.75 -11.60
CA MET A 254 4.81 -10.87 -10.89
C MET A 254 3.94 -11.68 -11.85
N SER A 255 3.55 -12.90 -11.44
CA SER A 255 2.94 -13.85 -12.36
C SER A 255 1.47 -13.58 -12.67
N GLY A 256 0.70 -13.20 -11.65
CA GLY A 256 -0.75 -13.12 -11.82
C GLY A 256 -1.36 -14.46 -12.14
N GLY A 257 -2.55 -14.39 -12.73
CA GLY A 257 -3.36 -15.56 -13.00
C GLY A 257 -2.78 -16.55 -13.98
N ALA A 258 -1.81 -16.13 -14.78
CA ALA A 258 -1.10 -17.04 -15.68
C ALA A 258 -0.43 -18.19 -14.91
N GLU A 259 -0.10 -17.93 -13.65
CA GLU A 259 0.45 -18.97 -12.78
C GLU A 259 -0.71 -19.74 -12.16
N THR A 260 -0.87 -21.00 -12.54
CA THR A 260 -2.02 -21.78 -12.09
C THR A 260 -2.00 -22.05 -10.58
N GLY A 261 -0.82 -21.96 -9.98
CA GLY A 261 -0.69 -22.11 -8.54
C GLY A 261 -0.87 -20.84 -7.74
N ILE A 262 -1.28 -19.76 -8.38
CA ILE A 262 -1.25 -18.47 -7.67
C ILE A 262 -2.35 -18.40 -6.60
N VAL A 263 -3.54 -18.92 -6.87
CA VAL A 263 -4.57 -18.85 -5.86
C VAL A 263 -4.17 -19.70 -4.65
N ALA A 264 -3.60 -20.89 -4.88
CA ALA A 264 -3.15 -21.72 -3.77
C ALA A 264 -2.11 -20.99 -2.92
N GLN A 265 -1.18 -20.29 -3.56
CA GLN A 265 -0.13 -19.58 -2.82
C GLN A 265 -0.74 -18.57 -1.85
N TYR A 266 -1.71 -17.80 -2.33
CA TYR A 266 -2.35 -16.78 -1.52
C TYR A 266 -3.35 -17.36 -0.53
N ALA A 267 -4.03 -18.43 -0.91
CA ALA A 267 -4.91 -19.14 0.02
C ALA A 267 -4.14 -19.68 1.22
N TYR A 268 -2.91 -20.12 0.97
CA TYR A 268 -2.07 -20.61 2.05
C TYR A 268 -1.76 -19.50 3.05
N VAL A 269 -1.40 -18.33 2.54
CA VAL A 269 -1.10 -17.19 3.41
C VAL A 269 -2.34 -16.81 4.21
N ALA A 270 -3.50 -16.71 3.54
CA ALA A 270 -4.72 -16.37 4.25
C ALA A 270 -5.02 -17.40 5.34
N GLY A 271 -4.79 -18.67 5.05
CA GLY A 271 -5.05 -19.73 6.01
C GLY A 271 -4.16 -19.61 7.22
N GLU A 272 -2.89 -19.32 6.99
CA GLU A 272 -1.95 -19.14 8.08
C GLU A 272 -2.30 -17.93 8.94
N LEU A 273 -2.82 -16.87 8.34
CA LEU A 273 -3.32 -15.74 9.11
C LEU A 273 -4.54 -16.12 9.94
N GLU A 274 -5.46 -16.89 9.37
CA GLU A 274 -6.62 -17.31 10.14
C GLU A 274 -6.23 -18.25 11.28
N LYS A 275 -5.24 -19.12 11.04
CA LYS A 275 -4.75 -20.00 12.10
C LYS A 275 -4.24 -19.17 13.29
N ARG A 276 -3.46 -18.15 13.00
CA ARG A 276 -2.95 -17.26 14.04
C ARG A 276 -4.10 -16.54 14.76
N ALA A 277 -5.10 -16.14 13.99
CA ALA A 277 -6.26 -15.45 14.55
C ALA A 277 -7.01 -16.35 15.51
N LYS A 278 -7.25 -17.59 15.09
CA LYS A 278 -7.98 -18.52 15.93
C LYS A 278 -7.17 -18.84 17.19
N ALA A 279 -5.85 -18.68 17.13
CA ALA A 279 -4.98 -18.91 18.27
C ALA A 279 -4.79 -17.63 19.11
N GLY A 280 -5.53 -16.56 18.79
CA GLY A 280 -5.58 -15.39 19.65
C GLY A 280 -4.87 -14.15 19.13
N LYS A 281 -4.33 -14.20 17.92
CA LYS A 281 -3.53 -13.10 17.37
C LYS A 281 -4.02 -12.77 15.97
N ARG A 282 -5.19 -12.16 15.90
CA ARG A 282 -5.79 -11.79 14.64
C ARG A 282 -5.26 -10.44 14.13
N LEU A 283 -4.71 -10.42 12.92
CA LEU A 283 -4.29 -9.15 12.35
C LEU A 283 -5.46 -8.19 12.25
N ALA A 284 -5.15 -6.91 12.29
CA ALA A 284 -6.18 -5.88 12.17
C ALA A 284 -6.95 -5.97 10.84
N PHE A 285 -6.26 -6.32 9.77
CA PHE A 285 -6.90 -6.43 8.46
C PHE A 285 -5.99 -7.13 7.48
N VAL A 286 -6.61 -7.63 6.41
CA VAL A 286 -5.93 -8.01 5.18
C VAL A 286 -6.39 -7.03 4.11
N HIS A 287 -5.43 -6.49 3.36
CA HIS A 287 -5.70 -5.51 2.31
C HIS A 287 -5.34 -6.18 0.99
N LEU A 288 -6.32 -6.26 0.08
CA LEU A 288 -6.18 -6.91 -1.21
C LEU A 288 -6.28 -5.92 -2.34
N VAL A 289 -5.34 -5.99 -3.26
CA VAL A 289 -5.50 -5.34 -4.54
C VAL A 289 -6.33 -6.28 -5.43
N GLU A 290 -7.35 -5.72 -6.07
CA GLU A 290 -8.26 -6.52 -6.89
C GLU A 290 -7.68 -6.81 -8.26
N PRO A 291 -8.16 -7.90 -8.88
CA PRO A 291 -7.79 -8.21 -10.27
C PRO A 291 -8.33 -7.15 -11.25
N ARG A 292 -9.19 -6.26 -10.74
CA ARG A 292 -9.63 -5.08 -11.46
C ARG A 292 -8.48 -4.19 -11.91
N VAL A 293 -7.37 -4.23 -11.17
CA VAL A 293 -6.20 -3.43 -11.47
C VAL A 293 -4.97 -4.31 -11.26
N THR A 294 -4.46 -4.92 -12.32
CA THR A 294 -3.26 -5.73 -12.22
C THR A 294 -1.97 -4.90 -12.31
N ASN A 295 -2.11 -3.64 -12.72
CA ASN A 295 -1.00 -2.70 -12.84
C ASN A 295 -1.58 -1.30 -12.65
N PRO A 296 -1.23 -0.61 -11.55
CA PRO A 296 -1.90 0.64 -11.22
C PRO A 296 -1.42 1.82 -12.03
N PHE A 297 -0.49 1.61 -12.94
CA PHE A 297 -0.06 2.66 -13.86
C PHE A 297 -0.69 2.54 -15.23
N LEU A 298 -1.68 1.66 -15.34
CA LEU A 298 -2.56 1.62 -16.50
C LEU A 298 -3.88 2.30 -16.15
N THR A 299 -4.43 3.06 -17.09
CA THR A 299 -5.71 3.71 -16.91
C THR A 299 -6.79 2.75 -16.48
N GLU A 300 -7.69 3.24 -15.64
CA GLU A 300 -8.83 2.45 -15.16
C GLU A 300 -9.52 1.74 -16.32
N GLY A 301 -9.72 0.44 -16.15
CA GLY A 301 -10.33 -0.39 -17.18
C GLY A 301 -9.32 -1.22 -17.95
N GLU A 302 -8.07 -0.76 -17.97
CA GLU A 302 -6.99 -1.49 -18.63
C GLU A 302 -6.31 -2.44 -17.65
N GLY A 303 -5.72 -3.49 -18.17
CA GLY A 303 -5.07 -4.46 -17.29
C GLY A 303 -6.02 -5.12 -16.30
N GLU A 304 -7.29 -5.24 -16.66
CA GLU A 304 -8.27 -5.99 -15.86
CA GLU A 304 -8.21 -5.97 -15.79
C GLU A 304 -8.14 -7.46 -16.11
N TYR A 305 -7.95 -8.27 -15.08
CA TYR A 305 -7.96 -9.72 -15.23
C TYR A 305 -9.32 -10.23 -14.85
N GLU A 306 -9.97 -10.87 -15.82
CA GLU A 306 -11.32 -11.36 -15.61
C GLU A 306 -11.36 -12.84 -15.21
N GLY A 307 -10.20 -13.50 -15.18
CA GLY A 307 -10.14 -14.94 -14.95
C GLY A 307 -10.04 -15.35 -13.50
N GLY A 308 -10.10 -14.38 -12.58
CA GLY A 308 -10.00 -14.71 -11.18
C GLY A 308 -10.68 -13.69 -10.30
N SER A 309 -11.00 -14.12 -9.09
CA SER A 309 -11.62 -13.29 -8.08
C SER A 309 -10.83 -13.42 -6.78
N ASN A 310 -10.84 -12.36 -5.97
CA ASN A 310 -10.31 -12.43 -4.61
C ASN A 310 -11.30 -13.01 -3.60
N ASP A 311 -12.49 -13.39 -4.05
CA ASP A 311 -13.51 -13.83 -3.11
C ASP A 311 -13.06 -15.01 -2.27
N PHE A 312 -12.18 -15.86 -2.81
CA PHE A 312 -11.67 -17.00 -2.06
C PHE A 312 -11.13 -16.62 -0.69
N VAL A 313 -10.54 -15.44 -0.59
CA VAL A 313 -9.93 -15.05 0.67
C VAL A 313 -10.98 -15.04 1.79
N TYR A 314 -12.22 -14.67 1.46
CA TYR A 314 -13.27 -14.59 2.46
C TYR A 314 -13.72 -15.96 3.00
N SER A 315 -13.49 -17.03 2.25
CA SER A 315 -13.75 -18.38 2.75
C SER A 315 -12.72 -18.78 3.79
N ILE A 316 -11.61 -18.07 3.86
CA ILE A 316 -10.45 -18.52 4.64
C ILE A 316 -10.22 -17.56 5.82
N TRP A 317 -9.90 -16.32 5.50
CA TRP A 317 -9.69 -15.26 6.49
C TRP A 317 -11.03 -14.67 6.88
N LYS A 318 -11.26 -14.56 8.19
CA LYS A 318 -12.56 -14.15 8.73
C LYS A 318 -12.55 -12.76 9.36
N GLY A 319 -11.48 -12.00 9.16
CA GLY A 319 -11.37 -10.64 9.69
C GLY A 319 -11.70 -9.59 8.63
N PRO A 320 -11.43 -8.32 8.95
CA PRO A 320 -11.68 -7.26 7.98
C PRO A 320 -10.85 -7.43 6.73
N VAL A 321 -11.44 -7.05 5.60
CA VAL A 321 -10.78 -7.07 4.30
C VAL A 321 -10.97 -5.71 3.65
N ILE A 322 -9.86 -5.06 3.31
CA ILE A 322 -9.87 -3.85 2.49
C ILE A 322 -9.60 -4.28 1.05
N ARG A 323 -10.45 -3.84 0.13
CA ARG A 323 -10.29 -4.11 -1.30
CA ARG A 323 -10.28 -4.12 -1.29
C ARG A 323 -10.01 -2.83 -2.05
N ALA A 324 -9.01 -2.82 -2.93
CA ALA A 324 -8.68 -1.65 -3.73
C ALA A 324 -8.56 -2.00 -5.20
N GLY A 325 -9.04 -1.10 -6.06
CA GLY A 325 -8.75 -1.20 -7.49
C GLY A 325 -9.96 -0.80 -8.32
N ASN A 326 -9.88 0.41 -8.89
CA ASN A 326 -10.89 0.93 -9.79
C ASN A 326 -12.29 0.94 -9.21
N PHE A 327 -12.41 1.38 -7.97
CA PHE A 327 -13.73 1.47 -7.36
C PHE A 327 -14.36 2.86 -7.44
N ALA A 328 -13.57 3.93 -7.59
CA ALA A 328 -14.13 5.29 -7.62
C ALA A 328 -15.09 5.48 -8.78
N LEU A 329 -14.73 4.96 -9.94
CA LEU A 329 -15.54 5.12 -11.15
C LEU A 329 -16.65 4.08 -11.22
N HIS A 330 -16.76 3.22 -10.20
CA HIS A 330 -17.69 2.10 -10.19
C HIS A 330 -18.45 1.96 -8.89
N PRO A 331 -19.23 2.98 -8.54
CA PRO A 331 -20.06 2.89 -7.33
C PRO A 331 -21.03 1.71 -7.36
N GLU A 332 -21.45 1.27 -8.55
CA GLU A 332 -22.35 0.13 -8.65
C GLU A 332 -21.67 -1.14 -8.16
N VAL A 333 -20.36 -1.24 -8.36
CA VAL A 333 -19.61 -2.40 -7.87
C VAL A 333 -19.43 -2.28 -6.35
N VAL A 334 -19.05 -1.10 -5.89
CA VAL A 334 -18.92 -0.88 -4.44
C VAL A 334 -20.22 -1.21 -3.70
N ARG A 335 -21.35 -0.76 -4.25
CA ARG A 335 -22.63 -1.00 -3.59
C ARG A 335 -22.83 -2.50 -3.33
N GLU A 336 -22.41 -3.34 -4.28
CA GLU A 336 -22.53 -4.77 -4.08
CA GLU A 336 -22.52 -4.77 -4.09
C GLU A 336 -21.49 -5.30 -3.10
N GLU A 337 -20.24 -4.86 -3.24
CA GLU A 337 -19.19 -5.43 -2.40
CA GLU A 337 -19.15 -5.37 -2.40
C GLU A 337 -19.38 -5.11 -0.92
N VAL A 338 -19.86 -3.91 -0.60
CA VAL A 338 -19.98 -3.54 0.81
C VAL A 338 -21.19 -4.15 1.50
N LYS A 339 -22.02 -4.90 0.75
CA LYS A 339 -23.05 -5.69 1.41
C LYS A 339 -22.43 -6.69 2.36
N ASP A 340 -21.19 -7.11 2.09
CA ASP A 340 -20.44 -7.86 3.06
C ASP A 340 -20.01 -6.93 4.18
N LYS A 341 -20.34 -7.29 5.42
CA LYS A 341 -20.20 -6.39 6.55
C LYS A 341 -18.78 -6.24 7.11
N ARG A 342 -17.80 -6.96 6.54
CA ARG A 342 -16.40 -6.77 6.95
C ARG A 342 -15.52 -6.30 5.80
N THR A 343 -16.15 -5.72 4.79
CA THR A 343 -15.43 -5.20 3.61
C THR A 343 -15.30 -3.68 3.65
N LEU A 344 -14.08 -3.21 3.47
CA LEU A 344 -13.76 -1.80 3.29
C LEU A 344 -13.24 -1.60 1.89
N ILE A 345 -13.29 -0.36 1.41
CA ILE A 345 -12.91 -0.03 0.03
C ILE A 345 -11.82 0.99 0.03
N GLY A 346 -10.69 0.63 -0.57
CA GLY A 346 -9.61 1.56 -0.77
C GLY A 346 -9.76 2.29 -2.09
N TYR A 347 -9.62 3.61 -2.05
CA TYR A 347 -9.70 4.48 -3.21
C TYR A 347 -8.37 5.20 -3.38
N GLY A 348 -7.58 4.83 -4.38
CA GLY A 348 -6.24 5.34 -4.56
C GLY A 348 -6.17 6.59 -5.42
N ARG A 349 -6.16 6.40 -6.73
CA ARG A 349 -5.95 7.52 -7.64
C ARG A 349 -6.95 8.66 -7.44
N PHE A 350 -8.22 8.37 -7.14
CA PHE A 350 -9.17 9.46 -6.95
C PHE A 350 -9.08 10.11 -5.57
N PHE A 351 -8.38 9.50 -4.61
CA PHE A 351 -8.01 10.22 -3.40
C PHE A 351 -6.83 11.17 -3.65
N ILE A 352 -5.96 10.85 -4.62
CA ILE A 352 -4.95 11.81 -5.04
C ILE A 352 -5.65 13.10 -5.46
N SER A 353 -6.66 12.98 -6.31
CA SER A 353 -7.26 14.17 -6.89
C SER A 353 -8.46 14.76 -6.13
N ASN A 354 -8.97 14.06 -5.13
CA ASN A 354 -10.15 14.53 -4.39
C ASN A 354 -9.88 14.48 -2.89
N PRO A 355 -9.45 15.60 -2.30
CA PRO A 355 -9.14 15.53 -0.87
C PRO A 355 -10.39 15.24 -0.02
N ASP A 356 -11.55 15.68 -0.53
CA ASP A 356 -12.84 15.45 0.10
C ASP A 356 -13.57 14.29 -0.58
N LEU A 357 -12.84 13.25 -0.97
CA LEU A 357 -13.48 12.14 -1.65
C LEU A 357 -14.61 11.54 -0.83
N VAL A 358 -14.45 11.43 0.48
CA VAL A 358 -15.47 10.73 1.26
C VAL A 358 -16.83 11.44 1.15
N ASP A 359 -16.84 12.77 1.31
CA ASP A 359 -18.07 13.54 1.12
C ASP A 359 -18.65 13.28 -0.25
N ARG A 360 -17.80 13.23 -1.27
CA ARG A 360 -18.27 13.03 -2.63
C ARG A 360 -18.91 11.67 -2.82
N LEU A 361 -18.35 10.65 -2.16
CA LEU A 361 -18.91 9.31 -2.20
C LEU A 361 -20.26 9.25 -1.48
N GLU A 362 -20.34 9.87 -0.31
CA GLU A 362 -21.60 9.86 0.44
C GLU A 362 -22.72 10.48 -0.38
N LYS A 363 -22.39 11.61 -0.99
CA LYS A 363 -23.39 12.53 -1.55
C LYS A 363 -23.55 12.38 -3.07
N GLY A 364 -22.75 11.52 -3.70
CA GLY A 364 -22.89 11.30 -5.12
C GLY A 364 -22.48 12.49 -5.97
N LEU A 365 -21.37 13.11 -5.62
CA LEU A 365 -20.90 14.31 -6.29
C LEU A 365 -19.91 13.96 -7.41
N PRO A 366 -19.74 14.87 -8.39
CA PRO A 366 -18.71 14.69 -9.42
C PRO A 366 -17.34 14.55 -8.78
N LEU A 367 -16.45 13.87 -9.49
CA LEU A 367 -15.08 13.65 -9.04
C LEU A 367 -14.10 14.50 -9.85
N ASN A 368 -13.10 15.07 -9.18
CA ASN A 368 -12.03 15.74 -9.87
C ASN A 368 -11.24 14.71 -10.67
N LYS A 369 -10.95 15.02 -11.93
CA LYS A 369 -10.03 14.25 -12.75
C LYS A 369 -8.65 14.34 -12.13
N TYR A 370 -7.91 13.23 -12.14
CA TYR A 370 -6.53 13.25 -11.68
C TYR A 370 -5.58 13.59 -12.82
N ASP A 371 -4.38 14.00 -12.44
CA ASP A 371 -3.33 14.36 -13.36
CA ASP A 371 -3.33 14.32 -13.40
C ASP A 371 -2.16 13.39 -13.16
N ARG A 372 -2.09 12.35 -13.99
CA ARG A 372 -1.07 11.33 -13.75
CA ARG A 372 -1.06 11.31 -13.88
C ARG A 372 0.35 11.90 -13.86
N ASP A 373 0.55 12.98 -14.62
CA ASP A 373 1.88 13.55 -14.76
C ASP A 373 2.45 14.04 -13.45
N THR A 374 1.60 14.38 -12.48
CA THR A 374 2.08 14.87 -11.20
C THR A 374 1.90 13.84 -10.06
N PHE A 375 1.62 12.59 -10.42
CA PHE A 375 1.62 11.55 -9.40
C PHE A 375 2.98 11.48 -8.67
N TYR A 376 4.02 11.42 -9.47
N TYR A 376 4.12 11.65 -9.38
CA TYR A 376 5.37 11.48 -9.00
CA TYR A 376 5.51 11.44 -8.83
C TYR A 376 5.92 12.79 -9.54
C TYR A 376 6.56 12.59 -8.87
N GLN A 377 6.10 13.79 -8.70
CA GLN A 377 6.76 15.01 -9.10
C GLN A 377 7.19 15.70 -7.84
N MET A 378 8.24 16.52 -7.92
CA MET A 378 8.65 17.26 -6.74
C MET A 378 7.92 18.61 -6.75
N SER A 379 6.64 18.58 -6.40
CA SER A 379 5.81 19.78 -6.51
C SER A 379 4.62 19.74 -5.59
N ALA A 380 4.22 20.92 -5.13
CA ALA A 380 2.93 21.11 -4.48
C ALA A 380 1.81 20.96 -5.52
N HIS A 381 2.10 21.37 -6.75
CA HIS A 381 1.14 21.22 -7.85
C HIS A 381 0.84 19.74 -8.08
N GLY A 382 -0.43 19.40 -8.14
CA GLY A 382 -0.82 18.00 -8.28
C GLY A 382 -0.66 17.19 -7.01
N TYR A 383 -0.47 17.88 -5.88
CA TYR A 383 -0.27 17.24 -4.58
C TYR A 383 -1.22 17.86 -3.57
N ILE A 384 -1.10 19.17 -3.35
CA ILE A 384 -1.91 19.87 -2.36
C ILE A 384 -2.83 20.94 -2.96
N ASP A 385 -2.90 21.04 -4.28
CA ASP A 385 -3.74 22.06 -4.90
C ASP A 385 -4.95 21.51 -5.64
N TYR A 386 -5.28 20.23 -5.47
CA TYR A 386 -6.56 19.77 -5.96
C TYR A 386 -7.67 20.32 -5.05
N PRO A 387 -8.75 20.85 -5.65
CA PRO A 387 -9.79 21.49 -4.85
C PRO A 387 -10.79 20.53 -4.23
N THR A 388 -11.37 20.94 -3.10
CA THR A 388 -12.58 20.30 -2.62
C THR A 388 -13.72 20.57 -3.60
N TYR A 389 -14.85 19.90 -3.41
CA TYR A 389 -15.99 20.13 -4.29
C TYR A 389 -16.42 21.60 -4.28
N GLU A 390 -16.47 22.19 -3.09
CA GLU A 390 -16.87 23.60 -2.97
C GLU A 390 -15.90 24.49 -3.74
N GLU A 391 -14.60 24.24 -3.58
CA GLU A 391 -13.57 25.05 -4.23
C GLU A 391 -13.67 24.86 -5.75
N ALA A 392 -13.97 23.65 -6.19
CA ALA A 392 -14.12 23.36 -7.62
C ALA A 392 -15.32 24.12 -8.20
N LEU A 393 -16.42 24.17 -7.46
CA LEU A 393 -17.58 24.94 -7.92
C LEU A 393 -17.19 26.40 -8.08
N LYS A 394 -16.43 26.94 -7.13
CA LYS A 394 -16.01 28.33 -7.22
C LYS A 394 -15.12 28.58 -8.43
N LEU A 395 -14.37 27.56 -8.84
CA LEU A 395 -13.53 27.65 -10.03
C LEU A 395 -14.32 27.47 -11.33
N GLY A 396 -15.61 27.16 -11.21
CA GLY A 396 -16.46 26.99 -12.37
C GLY A 396 -16.40 25.61 -13.00
N TRP A 397 -15.95 24.60 -12.26
CA TRP A 397 -15.76 23.26 -12.84
C TRP A 397 -17.07 22.55 -13.16
N ASP A 398 -18.16 23.04 -12.59
CA ASP A 398 -19.46 22.55 -12.99
C ASP A 398 -19.78 23.02 -14.42
N LYS A 399 -19.00 24.00 -14.90
CA LYS A 399 -19.15 24.55 -16.25
C LYS A 399 -17.82 24.60 -16.99
N LYS A 400 -17.13 23.46 -17.08
CA LYS A 400 -15.89 23.38 -17.84
C LYS A 400 -15.83 22.01 -18.54
#